data_9CQB
#
_entry.id   9CQB
#
_cell.length_a   67.394
_cell.length_b   67.394
_cell.length_c   286.346
_cell.angle_alpha   90.000
_cell.angle_beta   90.000
_cell.angle_gamma   120.000
#
_symmetry.space_group_name_H-M   'P 31 2 1'
#
loop_
_entity.id
_entity.type
_entity.pdbx_description
1 polymer 'Fab 1G8 Light Chain'
2 polymer 'Fab 1G8 Heavy Chain'
3 polymer 'Mature secreted glycoprotein G'
4 water water
#
loop_
_entity_poly.entity_id
_entity_poly.type
_entity_poly.pdbx_seq_one_letter_code
_entity_poly.pdbx_strand_id
1 'polypeptide(L)'
;EIVVTQSPVTLSVSPGESAALSCRASRSVGSRLAWYQQKPGQPPRLLIFAASTRESGIPARFSGSGSGTDFTLIISGLQS
EDYAVYYCQQYKEWPLFTFGPGTTVDSKRRTVAAPSVFIFPPSDEQLKSGTASVVCLLNNFYPREAKVQWKVDNALQSGN
SQESVTEQDSKDSTYSLSSTLTLSKADYEKHKVYACEVTHQGLSSPVTKSFNRGEC
;
A
2 'polypeptide(L)'
;QLQLQESGPGLVKPSETLSLTCTVSGDSITSGQYYWAWIRQAPGKGLEWIGSIHYSGSTYQNPSLKSRLTISVDTSRDQI
SMKLSSVTVAESAVYYCAKQQLSLSPVENWFDPWGQGTLVTVSSASASTKGPSVFPLAPSSKSTSGGTAALGCLVKDYFP
EPVTVSWNSGALTSGVHTFPAVLQSSGLYSLSSVVTVPSSSLGTQTYICNVNHKPSNTKVDKKVEPKSCASLVPRGSGWS
HPQFEKGGGSGGGSGGGSWSHPQFEK
;
B
3 'polypeptide(L)' MGSKPNNDFHFEVFNFVPCSICSNNPTCWAICKRIPNKKPGKKHHHHHH D
#
# COMPACT_ATOMS: atom_id res chain seq x y z
N GLU A 1 6.88 13.41 -20.38
CA GLU A 1 6.64 11.98 -20.44
C GLU A 1 5.13 11.73 -20.51
N ILE A 2 4.73 10.51 -20.83
CA ILE A 2 3.32 10.20 -21.03
C ILE A 2 2.71 9.71 -19.72
N VAL A 3 1.62 10.37 -19.31
CA VAL A 3 0.96 10.15 -18.03
C VAL A 3 -0.27 9.27 -18.28
N VAL A 4 -0.37 8.17 -17.54
CA VAL A 4 -1.56 7.35 -17.55
C VAL A 4 -2.32 7.59 -16.26
N THR A 5 -3.60 7.91 -16.40
CA THR A 5 -4.52 8.00 -15.29
C THR A 5 -5.41 6.77 -15.32
N GLN A 6 -6.27 6.63 -14.32
CA GLN A 6 -7.16 5.49 -14.28
C GLN A 6 -8.49 5.90 -13.68
N SER A 7 -9.49 5.04 -13.86
CA SER A 7 -10.81 5.43 -13.43
C SER A 7 -11.63 4.17 -13.24
N PRO A 8 -12.41 4.07 -12.17
CA PRO A 8 -12.46 4.94 -11.01
C PRO A 8 -11.43 4.51 -9.96
N VAL A 9 -11.44 5.13 -8.77
CA VAL A 9 -10.50 4.74 -7.72
C VAL A 9 -10.89 3.39 -7.13
N THR A 10 -12.15 3.27 -6.74
CA THR A 10 -12.72 2.01 -6.26
C THR A 10 -13.90 1.66 -7.16
N LEU A 11 -13.90 0.46 -7.71
CA LEU A 11 -15.00 -0.03 -8.51
C LEU A 11 -15.68 -1.14 -7.73
N SER A 12 -16.93 -0.89 -7.31
CA SER A 12 -17.69 -1.90 -6.59
C SER A 12 -18.36 -2.79 -7.59
N VAL A 13 -18.15 -4.10 -7.46
CA VAL A 13 -18.72 -5.04 -8.39
C VAL A 13 -19.26 -6.22 -7.60
N SER A 14 -20.54 -6.53 -7.81
CA SER A 14 -21.17 -7.72 -7.30
C SER A 14 -20.70 -8.92 -8.11
N PRO A 15 -20.50 -10.09 -7.49
CA PRO A 15 -20.02 -11.25 -8.24
C PRO A 15 -21.02 -11.67 -9.31
N GLY A 16 -20.48 -12.09 -10.47
CA GLY A 16 -21.26 -12.35 -11.65
C GLY A 16 -21.47 -11.14 -12.54
N GLU A 17 -21.43 -9.96 -11.96
CA GLU A 17 -21.57 -8.74 -12.77
C GLU A 17 -20.31 -8.52 -13.59
N SER A 18 -20.29 -7.43 -14.33
CA SER A 18 -19.23 -7.16 -15.27
C SER A 18 -18.53 -5.86 -14.90
N ALA A 19 -17.21 -5.92 -14.76
CA ALA A 19 -16.43 -4.78 -14.33
C ALA A 19 -15.83 -4.08 -15.56
N ALA A 20 -16.03 -2.77 -15.64
CA ALA A 20 -15.41 -1.96 -16.67
C ALA A 20 -14.50 -0.95 -15.99
N LEU A 21 -13.19 -1.16 -16.12
CA LEU A 21 -12.16 -0.29 -15.59
C LEU A 21 -11.54 0.52 -16.72
N SER A 22 -11.27 1.80 -16.46
CA SER A 22 -10.73 2.69 -17.48
C SER A 22 -9.26 3.04 -17.21
N CYS A 23 -8.56 3.37 -18.30
CA CYS A 23 -7.19 3.88 -18.23
C CYS A 23 -6.99 4.82 -19.41
N ARG A 24 -6.72 6.10 -19.13
CA ARG A 24 -6.53 7.12 -20.17
C ARG A 24 -5.10 7.64 -20.16
N ALA A 25 -4.52 7.77 -21.35
CA ALA A 25 -3.14 8.22 -21.51
C ALA A 25 -3.12 9.65 -22.04
N SER A 26 -2.09 10.41 -21.64
CA SER A 26 -2.08 11.84 -21.91
C SER A 26 -1.87 12.13 -23.39
N ARG A 27 -0.99 11.37 -24.04
CA ARG A 27 -0.78 11.41 -25.48
C ARG A 27 -1.29 10.09 -26.08
N SER A 28 -0.98 9.87 -27.36
CA SER A 28 -1.32 8.61 -27.99
C SER A 28 -0.20 7.61 -27.72
N VAL A 29 -0.56 6.41 -27.30
CA VAL A 29 0.38 5.32 -27.09
C VAL A 29 0.12 4.16 -28.03
N GLY A 30 -0.77 4.34 -29.00
CA GLY A 30 -1.08 3.27 -29.92
C GLY A 30 -1.73 2.14 -29.15
N SER A 31 -1.26 0.93 -29.38
CA SER A 31 -1.74 -0.23 -28.64
C SER A 31 -0.75 -0.67 -27.57
N ARG A 32 0.27 0.14 -27.29
CA ARG A 32 1.31 -0.25 -26.34
C ARG A 32 0.82 0.00 -24.92
N LEU A 33 0.02 -0.94 -24.42
CA LEU A 33 -0.58 -0.81 -23.10
C LEU A 33 -0.81 -2.20 -22.50
N ALA A 34 -0.32 -2.39 -21.27
CA ALA A 34 -0.52 -3.64 -20.54
C ALA A 34 -1.43 -3.40 -19.34
N TRP A 35 -2.01 -4.48 -18.83
CA TRP A 35 -2.79 -4.47 -17.61
C TRP A 35 -2.22 -5.50 -16.64
N TYR A 36 -2.18 -5.13 -15.37
CA TYR A 36 -1.72 -6.01 -14.31
C TYR A 36 -2.83 -6.19 -13.27
N GLN A 37 -2.78 -7.33 -12.60
CA GLN A 37 -3.60 -7.58 -11.42
C GLN A 37 -2.71 -7.81 -10.21
N GLN A 38 -3.11 -7.25 -9.06
CA GLN A 38 -2.37 -7.44 -7.81
C GLN A 38 -3.39 -7.77 -6.73
N LYS A 39 -3.49 -9.07 -6.39
CA LYS A 39 -4.28 -9.53 -5.27
C LYS A 39 -3.55 -9.20 -3.98
N PRO A 40 -4.26 -8.91 -2.88
CA PRO A 40 -3.60 -8.34 -1.70
C PRO A 40 -2.57 -9.30 -1.15
N GLY A 41 -1.34 -8.81 -0.94
CA GLY A 41 -0.25 -9.61 -0.43
C GLY A 41 0.61 -10.28 -1.47
N GLN A 42 0.23 -10.23 -2.73
CA GLN A 42 0.96 -10.89 -3.79
C GLN A 42 1.64 -9.88 -4.71
N PRO A 43 2.53 -10.33 -5.58
CA PRO A 43 3.08 -9.45 -6.60
C PRO A 43 2.08 -9.22 -7.71
N PRO A 44 2.32 -8.22 -8.55
CA PRO A 44 1.52 -8.07 -9.76
C PRO A 44 1.69 -9.27 -10.68
N ARG A 45 0.66 -9.50 -11.49
CA ARG A 45 0.64 -10.56 -12.48
C ARG A 45 0.15 -9.93 -13.77
N LEU A 46 0.83 -10.20 -14.88
CA LEU A 46 0.44 -9.60 -16.16
C LEU A 46 -0.87 -10.20 -16.65
N LEU A 47 -1.79 -9.35 -17.09
CA LEU A 47 -3.09 -9.79 -17.59
C LEU A 47 -3.20 -9.64 -19.11
N ILE A 48 -2.99 -8.43 -19.62
CA ILE A 48 -3.13 -8.10 -21.03
C ILE A 48 -1.82 -7.44 -21.46
N PHE A 49 -1.52 -7.50 -22.75
CA PHE A 49 -0.52 -6.62 -23.34
C PHE A 49 -0.93 -6.23 -24.74
N ALA A 50 -0.21 -5.26 -25.30
CA ALA A 50 -0.57 -4.68 -26.58
C ALA A 50 -2.06 -4.35 -26.64
N ALA A 51 -2.61 -4.00 -25.46
CA ALA A 51 -3.96 -3.48 -25.26
C ALA A 51 -5.12 -4.48 -25.39
N SER A 52 -4.91 -5.65 -25.97
CA SER A 52 -6.01 -6.61 -26.06
C SER A 52 -5.59 -8.07 -25.96
N THR A 53 -4.30 -8.35 -25.97
CA THR A 53 -3.81 -9.72 -26.00
C THR A 53 -3.76 -10.27 -24.58
N ARG A 54 -4.59 -11.28 -24.30
CA ARG A 54 -4.64 -11.91 -22.98
C ARG A 54 -3.48 -12.88 -22.82
N GLU A 55 -2.66 -12.66 -21.79
CA GLU A 55 -1.54 -13.55 -21.49
C GLU A 55 -2.02 -14.99 -21.29
N SER A 56 -1.15 -15.92 -21.67
CA SER A 56 -1.37 -17.33 -21.39
C SER A 56 -1.49 -17.55 -19.88
N GLY A 57 -2.51 -18.29 -19.48
CA GLY A 57 -2.78 -18.56 -18.08
C GLY A 57 -3.85 -17.70 -17.47
N ILE A 58 -4.38 -16.73 -18.21
CA ILE A 58 -5.29 -15.73 -17.68
C ILE A 58 -6.73 -16.13 -18.06
N PRO A 59 -7.66 -16.18 -17.11
CA PRO A 59 -9.06 -16.50 -17.43
C PRO A 59 -9.63 -15.59 -18.53
N ALA A 60 -10.47 -16.18 -19.38
CA ALA A 60 -10.95 -15.45 -20.55
C ALA A 60 -12.01 -14.41 -20.21
N ARG A 61 -12.52 -14.41 -18.97
CA ARG A 61 -13.40 -13.34 -18.52
C ARG A 61 -12.68 -12.00 -18.43
N PHE A 62 -11.34 -12.01 -18.44
CA PHE A 62 -10.52 -10.82 -18.53
C PHE A 62 -10.28 -10.49 -19.99
N SER A 63 -10.62 -9.26 -20.40
CA SER A 63 -10.52 -8.86 -21.79
C SER A 63 -10.18 -7.38 -21.86
N GLY A 64 -9.22 -7.02 -22.71
CA GLY A 64 -8.78 -5.64 -22.82
C GLY A 64 -9.00 -5.07 -24.21
N SER A 65 -9.27 -3.77 -24.25
CA SER A 65 -9.70 -3.11 -25.48
C SER A 65 -9.32 -1.63 -25.44
N GLY A 66 -9.25 -1.03 -26.62
CA GLY A 66 -8.95 0.38 -26.77
C GLY A 66 -7.74 0.59 -27.67
N SER A 67 -7.52 1.87 -27.98
CA SER A 67 -6.39 2.24 -28.83
C SER A 67 -6.18 3.73 -28.76
N GLY A 68 -4.92 4.15 -28.83
CA GLY A 68 -4.59 5.56 -28.84
C GLY A 68 -4.48 6.14 -27.46
N THR A 69 -5.59 6.67 -26.92
CA THR A 69 -5.60 7.29 -25.59
C THR A 69 -6.51 6.60 -24.59
N ASP A 70 -7.69 6.15 -25.01
CA ASP A 70 -8.67 5.61 -24.06
C ASP A 70 -8.68 4.08 -24.15
N PHE A 71 -8.58 3.42 -23.00
CA PHE A 71 -8.47 1.97 -22.92
C PHE A 71 -9.45 1.45 -21.87
N THR A 72 -9.64 0.13 -21.86
CA THR A 72 -10.64 -0.49 -20.99
C THR A 72 -10.26 -1.93 -20.69
N LEU A 73 -10.36 -2.31 -19.43
CA LEU A 73 -10.33 -3.71 -19.02
C LEU A 73 -11.72 -4.10 -18.57
N ILE A 74 -12.20 -5.26 -19.03
CA ILE A 74 -13.53 -5.76 -18.71
C ILE A 74 -13.39 -7.12 -18.04
N ILE A 75 -14.07 -7.29 -16.91
CA ILE A 75 -14.11 -8.56 -16.21
C ILE A 75 -15.53 -9.07 -16.31
N SER A 76 -15.77 -9.99 -17.23
CA SER A 76 -17.13 -10.44 -17.53
C SER A 76 -17.46 -11.66 -16.69
N GLY A 77 -18.44 -11.53 -15.80
CA GLY A 77 -18.71 -12.56 -14.83
C GLY A 77 -17.65 -12.60 -13.75
N LEU A 78 -17.66 -11.56 -12.91
CA LEU A 78 -16.63 -11.35 -11.88
C LEU A 78 -16.64 -12.48 -10.87
N GLN A 79 -15.47 -13.06 -10.62
CA GLN A 79 -15.28 -14.03 -9.54
C GLN A 79 -14.71 -13.35 -8.31
N SER A 80 -14.83 -14.03 -7.17
CA SER A 80 -14.33 -13.48 -5.92
C SER A 80 -12.83 -13.27 -5.95
N GLU A 81 -12.09 -14.22 -6.54
CA GLU A 81 -10.63 -14.08 -6.56
C GLU A 81 -10.17 -12.85 -7.36
N ASP A 82 -11.09 -12.22 -8.09
CA ASP A 82 -10.79 -11.07 -8.92
C ASP A 82 -10.90 -9.74 -8.18
N TYR A 83 -11.23 -9.75 -6.89
CA TYR A 83 -11.17 -8.52 -6.10
C TYR A 83 -9.72 -8.17 -5.83
N ALA A 84 -9.22 -7.12 -6.47
CA ALA A 84 -7.78 -6.84 -6.46
C ALA A 84 -7.55 -5.41 -6.90
N VAL A 85 -6.29 -5.04 -7.03
CA VAL A 85 -5.93 -3.75 -7.61
C VAL A 85 -5.45 -3.99 -9.04
N TYR A 86 -5.82 -3.09 -9.94
CA TYR A 86 -5.50 -3.22 -11.35
C TYR A 86 -4.70 -1.99 -11.77
N TYR A 87 -3.55 -2.23 -12.37
CA TYR A 87 -2.75 -1.14 -12.90
C TYR A 87 -2.68 -1.28 -14.42
N CYS A 88 -2.64 -0.15 -15.12
CA CYS A 88 -2.26 -0.16 -16.52
C CYS A 88 -0.85 0.35 -16.67
N GLN A 89 -0.24 0.04 -17.80
CA GLN A 89 1.10 0.55 -18.10
C GLN A 89 1.24 0.80 -19.60
N GLN A 90 1.69 2.01 -19.95
CA GLN A 90 1.96 2.43 -21.32
C GLN A 90 3.45 2.29 -21.63
N TYR A 91 3.77 2.02 -22.88
CA TYR A 91 5.18 1.81 -23.22
C TYR A 91 5.48 2.26 -24.65
N LYS A 92 5.07 3.48 -25.01
CA LYS A 92 5.19 3.92 -26.41
C LYS A 92 6.63 4.22 -26.80
N GLU A 93 7.29 5.11 -26.07
CA GLU A 93 8.69 5.45 -26.33
C GLU A 93 9.60 4.42 -25.71
N TRP A 94 9.98 3.43 -26.49
CA TRP A 94 10.91 2.42 -26.03
C TRP A 94 12.19 3.09 -25.52
N PRO A 95 12.72 2.69 -24.36
CA PRO A 95 12.25 1.66 -23.45
C PRO A 95 11.57 2.31 -22.24
N LEU A 96 10.98 3.48 -22.45
CA LEU A 96 10.30 4.22 -21.40
C LEU A 96 8.87 3.75 -21.27
N PHE A 97 8.34 3.90 -20.04
CA PHE A 97 7.04 3.37 -19.63
C PHE A 97 6.58 4.06 -18.36
N THR A 98 5.29 3.95 -18.08
CA THR A 98 4.66 4.60 -16.95
C THR A 98 3.54 3.72 -16.42
N PHE A 99 3.42 3.69 -15.11
CA PHE A 99 2.38 2.90 -14.46
C PHE A 99 1.20 3.80 -14.13
N GLY A 100 0.01 3.22 -14.17
CA GLY A 100 -1.19 3.92 -13.79
C GLY A 100 -1.31 3.98 -12.27
N PRO A 101 -2.15 4.90 -11.78
CA PRO A 101 -2.32 5.02 -10.34
C PRO A 101 -2.94 3.80 -9.70
N GLY A 102 -3.77 3.06 -10.42
CA GLY A 102 -4.37 1.82 -9.93
C GLY A 102 -5.85 2.03 -9.70
N THR A 103 -6.63 1.01 -10.00
CA THR A 103 -8.05 0.97 -9.65
C THR A 103 -8.28 -0.27 -8.79
N THR A 104 -9.07 -0.12 -7.73
CA THR A 104 -9.37 -1.25 -6.86
C THR A 104 -10.77 -1.74 -7.15
N VAL A 105 -10.92 -3.06 -7.37
CA VAL A 105 -12.23 -3.68 -7.46
C VAL A 105 -12.57 -4.26 -6.10
N ASP A 106 -13.67 -3.80 -5.50
CA ASP A 106 -14.13 -4.37 -4.25
C ASP A 106 -15.58 -4.84 -4.37
N SER A 107 -16.01 -5.54 -3.32
CA SER A 107 -17.33 -6.12 -3.26
C SER A 107 -18.39 -5.02 -3.18
N LYS A 108 -19.56 -5.31 -3.73
CA LYS A 108 -20.63 -4.33 -3.83
C LYS A 108 -21.69 -4.66 -2.79
N ARG A 109 -22.00 -3.69 -1.94
CA ARG A 109 -23.01 -3.88 -0.92
C ARG A 109 -24.36 -3.50 -1.50
N ARG A 110 -25.42 -4.18 -1.05
CA ARG A 110 -26.73 -3.80 -1.54
C ARG A 110 -27.08 -2.39 -1.09
N THR A 111 -26.80 -2.09 0.17
CA THR A 111 -27.21 -0.86 0.83
C THR A 111 -26.00 0.01 1.15
N VAL A 112 -26.24 1.29 1.25
CA VAL A 112 -25.21 2.25 1.61
C VAL A 112 -25.15 2.34 3.13
N ALA A 113 -23.94 2.24 3.69
CA ALA A 113 -23.74 2.26 5.13
C ALA A 113 -22.99 3.51 5.52
N ALA A 114 -23.64 4.41 6.24
CA ALA A 114 -22.99 5.59 6.79
C ALA A 114 -21.96 5.18 7.83
N PRO A 115 -20.85 5.90 7.94
CA PRO A 115 -19.93 5.63 9.04
C PRO A 115 -20.67 5.84 10.34
N SER A 116 -20.39 4.97 11.30
CA SER A 116 -20.62 5.29 12.70
C SER A 116 -19.32 5.95 13.23
N VAL A 117 -19.44 7.16 13.77
CA VAL A 117 -18.30 8.05 14.02
C VAL A 117 -18.16 8.31 15.51
N PHE A 118 -16.91 8.25 16.00
CA PHE A 118 -16.57 8.41 17.41
C PHE A 118 -15.23 9.11 17.51
N ILE A 119 -15.11 10.06 18.44
CA ILE A 119 -13.83 10.70 18.73
C ILE A 119 -13.39 10.35 20.15
N PHE A 120 -12.12 9.99 20.29
CA PHE A 120 -11.50 9.60 21.55
C PHE A 120 -10.42 10.58 21.95
N PRO A 121 -10.56 11.26 23.07
CA PRO A 121 -9.51 12.19 23.52
C PRO A 121 -8.24 11.42 23.84
N PRO A 122 -7.18 12.11 24.27
CA PRO A 122 -6.00 11.37 24.74
C PRO A 122 -6.24 10.82 26.14
N SER A 123 -5.69 9.64 26.39
CA SER A 123 -5.68 9.11 27.74
C SER A 123 -4.91 10.03 28.70
N ASP A 124 -5.22 9.91 29.99
CA ASP A 124 -4.44 10.65 30.98
C ASP A 124 -3.02 10.09 31.12
N GLU A 125 -2.87 8.77 31.10
CA GLU A 125 -1.53 8.17 31.08
C GLU A 125 -0.67 8.77 29.99
N GLN A 126 -1.09 8.62 28.73
CA GLN A 126 -0.32 9.12 27.61
C GLN A 126 0.03 10.58 27.80
N LEU A 127 -0.90 11.36 28.36
CA LEU A 127 -0.63 12.78 28.59
C LEU A 127 0.54 12.99 29.54
N LYS A 128 0.58 12.22 30.63
CA LYS A 128 1.73 12.26 31.53
C LYS A 128 3.06 12.13 30.77
N SER A 129 3.06 11.41 29.66
CA SER A 129 4.29 11.10 28.92
C SER A 129 4.65 12.16 27.89
N GLY A 130 3.86 13.22 27.76
CA GLY A 130 4.23 14.30 26.86
C GLY A 130 3.71 14.18 25.44
N THR A 131 2.99 13.11 25.10
CA THR A 131 2.35 12.99 23.81
C THR A 131 0.83 12.96 24.00
N ALA A 132 0.11 13.39 22.95
CA ALA A 132 -1.34 13.39 22.96
C ALA A 132 -1.84 12.89 21.62
N SER A 133 -2.63 11.81 21.62
CA SER A 133 -3.22 11.26 20.42
C SER A 133 -4.73 11.43 20.49
N VAL A 134 -5.27 12.22 19.58
CA VAL A 134 -6.70 12.30 19.41
C VAL A 134 -7.06 11.28 18.34
N VAL A 135 -7.97 10.37 18.65
CA VAL A 135 -8.34 9.33 17.72
C VAL A 135 -9.79 9.51 17.29
N CYS A 136 -10.04 9.35 16.01
CA CYS A 136 -11.35 9.47 15.41
C CYS A 136 -11.60 8.20 14.63
N LEU A 137 -12.75 7.57 14.89
CA LEU A 137 -13.13 6.28 14.34
C LEU A 137 -14.30 6.41 13.36
N LEU A 138 -14.18 5.73 12.23
CA LEU A 138 -15.25 5.65 11.23
C LEU A 138 -15.57 4.17 11.12
N ASN A 139 -16.67 3.76 11.73
CA ASN A 139 -16.97 2.35 11.87
C ASN A 139 -17.99 1.87 10.83
N ASN A 140 -17.61 0.84 10.07
CA ASN A 140 -18.48 0.04 9.17
C ASN A 140 -19.22 0.90 8.16
N PHE A 141 -18.47 1.47 7.21
CA PHE A 141 -19.10 2.25 6.16
C PHE A 141 -18.92 1.59 4.80
N TYR A 142 -19.80 1.97 3.87
CA TYR A 142 -19.72 1.58 2.48
C TYR A 142 -20.46 2.67 1.73
N PRO A 143 -19.96 3.11 0.55
CA PRO A 143 -18.74 2.69 -0.15
C PRO A 143 -17.44 3.22 0.49
N ARG A 144 -16.30 2.86 -0.10
CA ARG A 144 -15.01 3.15 0.49
C ARG A 144 -14.76 4.64 0.67
N GLU A 145 -15.29 5.47 -0.22
CA GLU A 145 -14.86 6.86 -0.25
C GLU A 145 -15.35 7.60 0.98
N ALA A 146 -14.44 8.34 1.63
CA ALA A 146 -14.81 9.08 2.83
C ALA A 146 -13.77 10.16 3.07
N LYS A 147 -14.19 11.24 3.71
CA LYS A 147 -13.29 12.34 4.04
C LYS A 147 -13.33 12.62 5.55
N VAL A 148 -12.15 12.79 6.13
CA VAL A 148 -12.00 13.12 7.54
C VAL A 148 -11.31 14.47 7.62
N GLN A 149 -11.90 15.40 8.35
CA GLN A 149 -11.35 16.72 8.54
C GLN A 149 -11.20 16.94 10.03
N TRP A 150 -9.96 17.13 10.49
CA TRP A 150 -9.67 17.46 11.88
C TRP A 150 -9.73 18.97 12.09
N LYS A 151 -10.19 19.39 13.26
CA LYS A 151 -10.35 20.80 13.59
C LYS A 151 -10.01 21.04 15.05
N VAL A 152 -8.93 21.80 15.30
CA VAL A 152 -8.54 22.21 16.63
C VAL A 152 -8.94 23.67 16.79
N ASP A 153 -9.79 23.96 17.78
CA ASP A 153 -10.46 25.25 17.93
C ASP A 153 -10.78 25.91 16.60
N ASN A 154 -11.53 25.21 15.76
CA ASN A 154 -12.00 25.67 14.47
C ASN A 154 -10.85 25.96 13.50
N ALA A 155 -9.65 25.46 13.75
CA ALA A 155 -8.57 25.55 12.78
C ALA A 155 -8.43 24.19 12.09
N LEU A 156 -8.53 24.18 10.75
CA LEU A 156 -8.33 22.96 10.00
C LEU A 156 -6.91 22.43 10.14
N GLN A 157 -6.77 21.26 10.71
CA GLN A 157 -5.49 20.60 10.78
C GLN A 157 -5.17 19.91 9.46
N SER A 158 -3.91 20.00 9.07
CA SER A 158 -3.45 19.48 7.79
C SER A 158 -2.02 18.98 7.93
N GLY A 159 -1.78 17.71 7.60
CA GLY A 159 -0.45 17.14 7.61
C GLY A 159 0.01 16.59 8.93
N ASN A 160 -0.83 16.63 9.97
CA ASN A 160 -0.48 16.13 11.29
C ASN A 160 -1.39 14.99 11.73
N SER A 161 -2.00 14.27 10.80
CA SER A 161 -2.81 13.13 11.14
C SER A 161 -2.46 11.96 10.25
N GLN A 162 -2.71 10.77 10.76
CA GLN A 162 -2.48 9.55 10.02
C GLN A 162 -3.74 8.70 10.03
N GLU A 163 -3.93 7.92 8.95
CA GLU A 163 -5.16 7.18 8.72
C GLU A 163 -4.82 5.74 8.40
N SER A 164 -5.76 4.88 8.73
CA SER A 164 -5.57 3.45 8.62
C SER A 164 -6.93 2.87 8.28
N VAL A 165 -6.99 1.91 7.38
CA VAL A 165 -8.27 1.35 6.98
C VAL A 165 -8.20 -0.15 7.07
N THR A 166 -9.25 -0.75 7.61
CA THR A 166 -9.34 -2.19 7.57
C THR A 166 -9.57 -2.64 6.12
N GLU A 167 -9.31 -3.90 5.89
CA GLU A 167 -9.74 -4.50 4.64
C GLU A 167 -11.25 -4.65 4.67
N GLN A 168 -11.83 -4.74 3.48
CA GLN A 168 -13.28 -4.81 3.37
C GLN A 168 -13.78 -6.05 4.11
N ASP A 169 -14.77 -5.86 4.98
CA ASP A 169 -15.37 -6.98 5.70
C ASP A 169 -16.01 -7.96 4.73
N SER A 170 -15.56 -9.20 4.76
CA SER A 170 -16.10 -10.24 3.88
C SER A 170 -17.55 -10.61 4.19
N LYS A 171 -18.11 -10.23 5.35
CA LYS A 171 -19.54 -10.42 5.59
C LYS A 171 -20.36 -9.27 4.98
N ASP A 172 -20.24 -8.05 5.53
CA ASP A 172 -21.12 -6.94 5.15
C ASP A 172 -20.44 -5.92 4.25
N SER A 173 -19.30 -6.27 3.65
CA SER A 173 -18.65 -5.43 2.65
C SER A 173 -18.34 -4.01 3.15
N THR A 174 -18.28 -3.78 4.45
CA THR A 174 -17.99 -2.44 4.95
C THR A 174 -16.49 -2.22 5.16
N TYR A 175 -16.13 -0.96 5.39
CA TYR A 175 -14.79 -0.59 5.82
C TYR A 175 -14.88 0.06 7.20
N SER A 176 -13.73 0.15 7.84
CA SER A 176 -13.59 0.97 9.03
C SER A 176 -12.25 1.69 8.96
N LEU A 177 -12.19 2.86 9.58
CA LEU A 177 -11.05 3.75 9.44
C LEU A 177 -10.74 4.44 10.77
N SER A 178 -9.46 4.54 11.09
CA SER A 178 -9.00 5.38 12.20
C SER A 178 -8.15 6.52 11.67
N SER A 179 -8.36 7.72 12.21
CA SER A 179 -7.48 8.85 11.96
C SER A 179 -6.97 9.37 13.30
N THR A 180 -5.64 9.46 13.42
CA THR A 180 -4.97 9.83 14.66
C THR A 180 -4.31 11.19 14.49
N LEU A 181 -4.86 12.16 15.19
CA LEU A 181 -4.26 13.48 15.32
C LEU A 181 -3.19 13.42 16.39
N THR A 182 -1.94 13.33 15.98
CA THR A 182 -0.79 13.34 16.88
C THR A 182 -0.40 14.78 17.21
N LEU A 183 -0.11 15.03 18.48
CA LEU A 183 -0.03 16.41 18.98
C LEU A 183 0.72 16.43 20.30
N SER A 184 1.69 17.32 20.43
CA SER A 184 2.46 17.37 21.68
C SER A 184 1.56 17.84 22.82
N LYS A 185 1.94 17.44 24.04
CA LYS A 185 1.12 17.73 25.22
C LYS A 185 1.02 19.23 25.47
N ALA A 186 2.09 19.98 25.22
CA ALA A 186 1.99 21.43 25.36
C ALA A 186 1.07 22.01 24.30
N ASP A 187 1.24 21.60 23.02
CA ASP A 187 0.30 22.01 21.99
C ASP A 187 -1.12 21.63 22.37
N TYR A 188 -1.31 20.37 22.75
CA TYR A 188 -2.65 19.85 23.05
C TYR A 188 -3.34 20.68 24.13
N GLU A 189 -2.62 21.02 25.18
CA GLU A 189 -3.21 21.71 26.32
C GLU A 189 -3.28 23.21 26.14
N LYS A 190 -2.95 23.71 24.94
CA LYS A 190 -3.22 25.11 24.63
C LYS A 190 -4.65 25.29 24.14
N HIS A 191 -5.16 24.35 23.36
CA HIS A 191 -6.46 24.50 22.72
C HIS A 191 -7.57 23.75 23.47
N LYS A 192 -8.81 24.11 23.17
CA LYS A 192 -9.97 23.59 23.88
C LYS A 192 -10.85 22.66 23.07
N VAL A 193 -11.31 23.08 21.87
CA VAL A 193 -12.28 22.33 21.07
C VAL A 193 -11.56 21.45 20.05
N TYR A 194 -11.67 20.13 20.21
CA TYR A 194 -11.14 19.16 19.27
C TYR A 194 -12.30 18.47 18.55
N ALA A 195 -12.21 18.40 17.22
CA ALA A 195 -13.31 17.88 16.41
C ALA A 195 -12.77 17.07 15.25
N CYS A 196 -13.53 16.06 14.82
CA CYS A 196 -13.26 15.42 13.54
C CYS A 196 -14.59 15.37 12.81
N GLU A 197 -14.58 15.75 11.54
CA GLU A 197 -15.78 15.92 10.76
C GLU A 197 -15.74 14.93 9.61
N VAL A 198 -16.78 14.12 9.46
CA VAL A 198 -16.78 13.03 8.49
C VAL A 198 -17.78 13.35 7.40
N THR A 199 -17.35 13.24 6.16
CA THR A 199 -18.20 13.35 4.98
C THR A 199 -18.26 11.99 4.32
N HIS A 200 -19.47 11.55 3.94
CA HIS A 200 -19.68 10.24 3.34
C HIS A 200 -21.05 10.20 2.67
N GLN A 201 -21.19 9.32 1.67
CA GLN A 201 -22.45 9.21 0.92
C GLN A 201 -23.66 9.01 1.83
N GLY A 202 -23.55 8.07 2.77
CA GLY A 202 -24.61 7.76 3.71
C GLY A 202 -24.87 8.81 4.78
N LEU A 203 -24.10 9.89 4.76
CA LEU A 203 -24.36 11.03 5.69
C LEU A 203 -24.99 12.16 4.88
N SER A 204 -26.18 12.61 5.27
CA SER A 204 -26.89 13.65 4.50
C SER A 204 -26.11 14.95 4.57
N SER A 205 -25.53 15.24 5.73
CA SER A 205 -24.67 16.44 5.88
C SER A 205 -23.43 16.00 6.66
N PRO A 206 -22.24 16.56 6.39
CA PRO A 206 -21.07 16.23 7.20
C PRO A 206 -21.40 16.17 8.70
N VAL A 207 -20.94 15.12 9.40
CA VAL A 207 -21.19 14.96 10.82
C VAL A 207 -19.91 15.25 11.59
N THR A 208 -20.03 16.01 12.68
CA THR A 208 -18.85 16.39 13.46
C THR A 208 -18.99 15.89 14.89
N LYS A 209 -18.09 14.99 15.28
CA LYS A 209 -17.95 14.58 16.66
C LYS A 209 -16.80 15.37 17.30
N SER A 210 -17.06 15.95 18.48
CA SER A 210 -16.07 16.81 19.10
C SER A 210 -16.05 16.60 20.61
N PHE A 211 -15.03 17.19 21.25
CA PHE A 211 -14.99 17.29 22.71
C PHE A 211 -14.25 18.55 23.12
N ASN A 212 -14.56 19.03 24.32
CA ASN A 212 -13.83 20.12 24.94
C ASN A 212 -12.85 19.57 25.94
N ARG A 213 -11.56 19.85 25.73
CA ARG A 213 -10.52 19.37 26.66
C ARG A 213 -10.83 19.76 28.10
N GLY A 214 -10.68 18.78 28.99
CA GLY A 214 -11.01 18.97 30.39
C GLY A 214 -12.40 18.66 30.91
N GLU A 215 -13.40 18.78 30.04
CA GLU A 215 -14.79 18.45 30.43
C GLU A 215 -15.06 16.98 30.11
N CYS A 216 -16.23 16.47 30.52
CA CYS A 216 -16.59 15.06 30.20
C CYS A 216 -17.75 15.03 29.21
N GLN B 1 10.37 -24.78 -14.23
CA GLN B 1 9.52 -23.59 -14.29
C GLN B 1 10.23 -22.35 -13.73
N LEU B 2 10.08 -21.22 -14.42
CA LEU B 2 10.79 -20.01 -14.03
C LEU B 2 10.26 -19.45 -12.72
N GLN B 3 11.18 -19.06 -11.85
CA GLN B 3 10.87 -18.53 -10.52
C GLN B 3 11.89 -17.46 -10.19
N LEU B 4 11.42 -16.39 -9.55
CA LEU B 4 12.28 -15.30 -9.11
C LEU B 4 12.17 -15.16 -7.61
N GLN B 5 13.29 -14.92 -6.95
CA GLN B 5 13.34 -14.98 -5.49
C GLN B 5 14.20 -13.85 -4.95
N GLU B 6 13.56 -12.87 -4.33
CA GLU B 6 14.28 -11.76 -3.70
C GLU B 6 14.77 -12.15 -2.31
N SER B 7 16.01 -11.77 -2.02
CA SER B 7 16.56 -11.86 -0.67
C SER B 7 17.14 -10.52 -0.29
N GLY B 8 17.16 -10.25 1.02
CA GLY B 8 17.70 -9.01 1.50
C GLY B 8 17.50 -8.83 2.99
N PRO B 9 17.82 -7.65 3.50
CA PRO B 9 17.64 -7.40 4.93
C PRO B 9 16.16 -7.22 5.21
N GLY B 10 15.80 -7.44 6.47
CA GLY B 10 14.41 -7.22 6.84
C GLY B 10 14.24 -5.77 7.19
N LEU B 11 15.18 -5.27 7.98
CA LEU B 11 15.18 -3.89 8.46
C LEU B 11 16.53 -3.30 8.14
N VAL B 12 16.57 -1.97 8.05
CA VAL B 12 17.78 -1.24 7.71
C VAL B 12 17.70 0.13 8.38
N LYS B 13 18.86 0.62 8.88
CA LYS B 13 18.90 1.95 9.49
C LYS B 13 18.93 3.04 8.41
N PRO B 14 18.32 4.20 8.66
CA PRO B 14 18.46 5.32 7.74
C PRO B 14 19.93 5.63 7.45
N SER B 15 20.21 6.27 6.31
CA SER B 15 21.56 6.66 5.93
C SER B 15 22.47 5.48 5.63
N GLU B 16 22.03 4.26 5.93
CA GLU B 16 22.81 3.08 5.60
C GLU B 16 22.48 2.59 4.20
N THR B 17 23.12 1.51 3.77
CA THR B 17 23.01 1.06 2.40
C THR B 17 22.26 -0.27 2.33
N LEU B 18 21.18 -0.27 1.55
CA LEU B 18 20.32 -1.43 1.32
C LEU B 18 20.89 -2.28 0.20
N SER B 19 21.03 -3.58 0.44
CA SER B 19 21.58 -4.51 -0.53
C SER B 19 20.61 -5.66 -0.73
N LEU B 20 20.18 -5.87 -1.98
CA LEU B 20 19.21 -6.90 -2.34
C LEU B 20 19.75 -7.79 -3.46
N THR B 21 19.11 -8.94 -3.63
CA THR B 21 19.55 -9.95 -4.58
C THR B 21 18.34 -10.72 -5.09
N CYS B 22 18.30 -10.90 -6.41
CA CYS B 22 17.25 -11.66 -7.09
C CYS B 22 17.88 -12.93 -7.63
N THR B 23 17.28 -14.06 -7.31
CA THR B 23 17.86 -15.35 -7.69
C THR B 23 16.91 -16.03 -8.67
N VAL B 24 17.35 -16.16 -9.90
CA VAL B 24 16.54 -16.72 -10.97
C VAL B 24 16.82 -18.21 -11.06
N SER B 25 15.76 -19.00 -11.06
CA SER B 25 15.85 -20.45 -11.03
C SER B 25 14.92 -21.02 -12.09
N GLY B 26 15.11 -22.30 -12.38
CA GLY B 26 14.31 -22.95 -13.40
C GLY B 26 14.54 -22.40 -14.78
N ASP B 27 15.64 -21.66 -14.97
CA ASP B 27 15.97 -20.99 -16.22
C ASP B 27 17.32 -20.34 -16.06
N SER B 28 17.81 -19.70 -17.12
CA SER B 28 19.09 -19.01 -17.07
C SER B 28 18.86 -17.55 -17.47
N ILE B 29 19.49 -16.63 -16.73
CA ILE B 29 19.34 -15.23 -17.07
C ILE B 29 19.97 -14.92 -18.41
N THR B 30 20.84 -15.79 -18.91
CA THR B 30 21.41 -15.66 -20.24
C THR B 30 20.60 -16.37 -21.30
N SER B 31 19.52 -17.05 -20.92
CA SER B 31 18.58 -17.64 -21.87
C SER B 31 17.63 -16.55 -22.37
N GLY B 32 17.72 -16.21 -23.65
CA GLY B 32 16.91 -15.17 -24.23
C GLY B 32 17.54 -13.80 -24.07
N GLN B 33 16.89 -12.82 -24.69
CA GLN B 33 17.34 -11.43 -24.64
C GLN B 33 16.49 -10.59 -23.68
N TYR B 34 16.21 -11.10 -22.49
CA TYR B 34 15.35 -10.38 -21.57
C TYR B 34 16.16 -9.40 -20.72
N TYR B 35 15.48 -8.39 -20.20
CA TYR B 35 16.01 -7.57 -19.12
C TYR B 35 15.41 -8.01 -17.79
N TRP B 36 16.15 -7.78 -16.72
CA TRP B 36 15.69 -8.12 -15.37
C TRP B 36 15.65 -6.84 -14.55
N ALA B 37 14.54 -6.61 -13.84
CA ALA B 37 14.24 -5.32 -13.25
C ALA B 37 13.92 -5.42 -11.77
N TRP B 38 14.34 -4.38 -11.01
CA TRP B 38 13.89 -4.15 -9.64
C TRP B 38 12.76 -3.13 -9.66
N ILE B 39 11.69 -3.42 -8.92
CA ILE B 39 10.55 -2.52 -8.80
C ILE B 39 10.09 -2.57 -7.35
N ARG B 40 9.83 -1.42 -6.74
CA ARG B 40 9.40 -1.36 -5.35
C ARG B 40 8.03 -0.72 -5.21
N GLN B 41 7.35 -1.08 -4.13
CA GLN B 41 5.98 -0.58 -3.90
C GLN B 41 5.81 -0.23 -2.42
N ALA B 42 5.80 1.05 -2.08
CA ALA B 42 5.56 1.49 -0.70
C ALA B 42 4.12 1.11 -0.35
N PRO B 43 3.80 0.74 0.91
CA PRO B 43 2.45 0.27 1.20
C PRO B 43 1.44 1.39 0.93
N GLY B 44 0.29 1.04 0.35
CA GLY B 44 -0.70 2.07 -0.03
C GLY B 44 -0.12 2.98 -1.09
N LYS B 45 0.83 2.48 -1.89
CA LYS B 45 1.51 3.35 -2.90
C LYS B 45 1.62 2.57 -4.22
N GLY B 46 1.73 3.29 -5.34
CA GLY B 46 1.81 2.63 -6.66
C GLY B 46 3.10 1.85 -6.90
N LEU B 47 3.40 1.54 -8.16
CA LEU B 47 4.56 0.75 -8.53
C LEU B 47 5.67 1.70 -8.96
N GLU B 48 6.88 1.49 -8.43
CA GLU B 48 8.02 2.38 -8.70
C GLU B 48 9.21 1.57 -9.23
N TRP B 49 9.43 1.66 -10.53
CA TRP B 49 10.54 0.99 -11.16
C TRP B 49 11.85 1.58 -10.66
N ILE B 50 12.82 0.71 -10.38
CA ILE B 50 14.12 1.13 -9.90
C ILE B 50 15.15 1.10 -11.01
N GLY B 51 15.14 0.03 -11.79
CA GLY B 51 16.17 -0.16 -12.78
C GLY B 51 16.08 -1.52 -13.42
N SER B 52 16.57 -1.63 -14.66
CA SER B 52 16.62 -2.88 -15.39
C SER B 52 18.04 -3.16 -15.84
N ILE B 53 18.39 -4.44 -15.92
CA ILE B 53 19.70 -4.85 -16.40
C ILE B 53 19.55 -6.10 -17.27
N HIS B 54 20.42 -6.20 -18.27
CA HIS B 54 20.51 -7.30 -19.23
C HIS B 54 21.81 -8.05 -18.96
N TYR B 55 21.91 -9.30 -19.46
CA TYR B 55 23.08 -10.09 -19.08
C TYR B 55 24.38 -9.47 -19.60
N SER B 56 24.31 -8.64 -20.63
CA SER B 56 25.47 -7.94 -21.15
C SER B 56 26.05 -6.92 -20.18
N GLY B 57 25.44 -6.70 -19.01
CA GLY B 57 25.74 -5.53 -18.20
C GLY B 57 24.99 -4.27 -18.61
N SER B 58 24.25 -4.30 -19.72
CA SER B 58 23.49 -3.13 -20.15
C SER B 58 22.38 -2.83 -19.14
N THR B 59 22.18 -1.54 -18.87
CA THR B 59 21.28 -1.15 -17.79
C THR B 59 20.74 0.25 -18.03
N TYR B 60 19.45 0.42 -17.72
CA TYR B 60 18.87 1.74 -17.54
C TYR B 60 18.09 1.77 -16.23
N GLN B 61 18.11 2.94 -15.59
CA GLN B 61 17.73 3.06 -14.19
C GLN B 61 16.88 4.31 -14.01
N ASN B 62 16.12 4.34 -12.90
CA ASN B 62 15.25 5.48 -12.58
C ASN B 62 16.09 6.73 -12.34
N PRO B 63 15.80 7.85 -13.02
CA PRO B 63 16.65 9.06 -12.83
C PRO B 63 16.76 9.49 -11.37
N SER B 64 15.63 9.61 -10.68
CA SER B 64 15.58 10.06 -9.29
C SER B 64 16.24 9.11 -8.30
N LEU B 65 16.85 8.01 -8.74
CA LEU B 65 17.58 7.13 -7.83
C LEU B 65 19.02 6.84 -8.25
N LYS B 66 19.41 7.21 -9.49
CA LYS B 66 20.68 6.73 -10.04
C LYS B 66 21.85 7.09 -9.16
N SER B 67 21.81 8.25 -8.51
CA SER B 67 22.97 8.70 -7.75
C SER B 67 23.15 7.92 -6.46
N ARG B 68 22.16 7.11 -6.06
CA ARG B 68 22.32 6.21 -4.94
C ARG B 68 22.23 4.76 -5.33
N LEU B 69 21.96 4.48 -6.61
CA LEU B 69 21.62 3.14 -7.08
C LEU B 69 22.79 2.48 -7.77
N THR B 70 22.95 1.18 -7.53
CA THR B 70 23.84 0.32 -8.32
C THR B 70 23.16 -1.01 -8.57
N ILE B 71 23.22 -1.49 -9.81
CA ILE B 71 22.59 -2.74 -10.21
C ILE B 71 23.63 -3.59 -10.91
N SER B 72 23.79 -4.82 -10.45
CA SER B 72 24.79 -5.73 -10.99
C SER B 72 24.09 -6.96 -11.53
N VAL B 73 24.87 -7.86 -12.11
CA VAL B 73 24.34 -9.11 -12.67
C VAL B 73 25.43 -10.17 -12.62
N ASP B 74 25.11 -11.31 -12.00
CA ASP B 74 26.06 -12.41 -11.84
C ASP B 74 25.51 -13.61 -12.61
N THR B 75 26.02 -13.83 -13.81
CA THR B 75 25.51 -14.91 -14.65
C THR B 75 25.94 -16.28 -14.13
N SER B 76 26.97 -16.32 -13.29
CA SER B 76 27.49 -17.57 -12.74
C SER B 76 26.67 -18.09 -11.56
N ARG B 77 25.92 -17.21 -10.89
CA ARG B 77 24.94 -17.63 -9.90
C ARG B 77 23.51 -17.39 -10.34
N ASP B 78 23.29 -16.87 -11.57
CA ASP B 78 21.96 -16.50 -12.06
C ASP B 78 21.31 -15.47 -11.13
N GLN B 79 22.05 -14.44 -10.77
CA GLN B 79 21.54 -13.47 -9.82
C GLN B 79 21.70 -12.05 -10.34
N ILE B 80 20.76 -11.20 -9.93
CA ILE B 80 20.81 -9.77 -10.13
C ILE B 80 20.74 -9.12 -8.77
N SER B 81 21.47 -8.03 -8.59
CA SER B 81 21.50 -7.36 -7.29
C SER B 81 21.34 -5.87 -7.51
N MET B 82 20.98 -5.18 -6.42
CA MET B 82 20.98 -3.73 -6.45
C MET B 82 21.51 -3.24 -5.11
N LYS B 83 21.83 -1.95 -5.08
CA LYS B 83 22.30 -1.26 -3.87
C LYS B 83 21.77 0.15 -3.90
N LEU B 84 21.05 0.53 -2.84
CA LEU B 84 20.69 1.91 -2.58
C LEU B 84 21.47 2.37 -1.35
N SER B 85 22.04 3.55 -1.44
CA SER B 85 22.87 4.13 -0.40
C SER B 85 22.18 5.36 0.15
N SER B 86 22.62 5.81 1.33
CA SER B 86 21.96 6.91 2.01
C SER B 86 20.45 6.68 2.05
N VAL B 87 20.08 5.44 2.37
CA VAL B 87 18.68 5.05 2.39
C VAL B 87 17.93 5.91 3.41
N THR B 88 16.66 6.19 3.11
CA THR B 88 15.82 7.09 3.90
C THR B 88 14.52 6.40 4.27
N VAL B 89 13.65 7.14 4.97
CA VAL B 89 12.33 6.62 5.29
C VAL B 89 11.60 6.24 4.01
N ALA B 90 11.75 7.03 2.94
CA ALA B 90 11.02 6.82 1.71
C ALA B 90 11.44 5.55 0.97
N GLU B 91 12.33 4.77 1.58
CA GLU B 91 12.82 3.54 1.00
C GLU B 91 12.07 2.32 1.53
N SER B 92 11.17 2.52 2.49
CA SER B 92 10.42 1.41 3.08
C SER B 92 9.34 0.96 2.11
N ALA B 93 9.43 -0.28 1.66
CA ALA B 93 8.59 -0.75 0.57
C ALA B 93 8.79 -2.26 0.44
N VAL B 94 8.00 -2.86 -0.40
CA VAL B 94 8.31 -4.21 -0.86
C VAL B 94 9.17 -4.05 -2.09
N TYR B 95 10.25 -4.81 -2.17
CA TYR B 95 11.14 -4.74 -3.32
C TYR B 95 10.95 -6.00 -4.17
N TYR B 96 10.49 -5.81 -5.41
CA TYR B 96 10.27 -6.89 -6.36
C TYR B 96 11.37 -6.97 -7.39
N CYS B 97 11.62 -8.17 -7.89
CA CYS B 97 12.30 -8.34 -9.17
C CYS B 97 11.38 -9.12 -10.10
N ALA B 98 11.42 -8.76 -11.37
CA ALA B 98 10.55 -9.35 -12.38
C ALA B 98 11.31 -9.44 -13.70
N LYS B 99 10.99 -10.47 -14.49
CA LYS B 99 11.50 -10.56 -15.86
C LYS B 99 10.85 -9.48 -16.71
N GLN B 100 11.64 -8.80 -17.54
CA GLN B 100 11.10 -7.70 -18.37
C GLN B 100 11.25 -8.05 -19.85
N GLN B 101 10.33 -7.58 -20.70
CA GLN B 101 10.44 -7.81 -22.15
C GLN B 101 10.76 -6.48 -22.83
N LEU B 102 11.92 -6.38 -23.46
CA LEU B 102 12.31 -5.11 -24.10
C LEU B 102 12.59 -5.45 -25.56
N SER B 103 11.54 -5.57 -26.36
CA SER B 103 11.70 -5.99 -27.76
C SER B 103 11.45 -4.79 -28.69
N LEU B 104 12.23 -4.68 -29.75
CA LEU B 104 12.10 -3.52 -30.67
C LEU B 104 11.30 -3.94 -31.90
N SER B 105 11.46 -5.17 -32.39
CA SER B 105 10.76 -5.58 -33.65
C SER B 105 9.28 -5.28 -33.43
N PRO B 106 8.54 -6.01 -32.56
CA PRO B 106 7.21 -5.57 -32.20
C PRO B 106 7.55 -4.81 -30.90
N VAL B 107 7.41 -3.50 -30.86
CA VAL B 107 7.80 -2.83 -29.58
C VAL B 107 7.05 -3.48 -28.42
N GLU B 108 7.80 -4.02 -27.46
CA GLU B 108 7.18 -4.73 -26.31
C GLU B 108 7.93 -4.38 -25.02
N ASN B 109 7.22 -3.84 -24.02
CA ASN B 109 7.81 -3.50 -22.69
C ASN B 109 6.79 -3.89 -21.63
N TRP B 110 7.17 -4.77 -20.71
CA TRP B 110 6.26 -5.29 -19.65
C TRP B 110 7.03 -6.13 -18.62
N PHE B 111 6.33 -6.65 -17.62
CA PHE B 111 6.99 -7.39 -16.53
C PHE B 111 6.25 -8.70 -16.28
N ASP B 112 6.92 -9.83 -16.52
CA ASP B 112 6.32 -11.17 -16.32
C ASP B 112 7.44 -12.20 -16.49
N PRO B 113 7.70 -13.06 -15.48
CA PRO B 113 6.97 -13.01 -14.23
C PRO B 113 7.61 -12.21 -13.09
N TRP B 114 6.85 -11.92 -12.04
CA TRP B 114 7.38 -11.17 -10.86
C TRP B 114 7.65 -12.14 -9.71
N GLY B 115 8.60 -11.80 -8.84
CA GLY B 115 8.85 -12.61 -7.66
C GLY B 115 7.94 -12.22 -6.52
N GLN B 116 8.05 -12.97 -5.41
CA GLN B 116 7.18 -12.73 -4.26
C GLN B 116 7.40 -11.34 -3.65
N GLY B 117 8.63 -10.81 -3.74
CA GLY B 117 9.00 -9.57 -3.10
C GLY B 117 9.59 -9.80 -1.73
N THR B 118 10.24 -8.77 -1.20
CA THR B 118 10.85 -8.84 0.13
C THR B 118 10.69 -7.48 0.80
N LEU B 119 9.90 -7.44 1.86
CA LEU B 119 9.63 -6.19 2.55
C LEU B 119 10.90 -5.65 3.19
N VAL B 120 11.11 -4.34 3.06
CA VAL B 120 12.23 -3.66 3.67
C VAL B 120 11.70 -2.55 4.55
N THR B 121 11.92 -2.65 5.85
CA THR B 121 11.57 -1.58 6.76
C THR B 121 12.82 -0.78 7.11
N VAL B 122 12.67 0.54 7.15
CA VAL B 122 13.74 1.44 7.48
C VAL B 122 13.37 2.14 8.78
N SER B 123 14.14 1.88 9.84
CA SER B 123 13.93 2.55 11.11
C SER B 123 15.23 2.77 11.85
N SER B 124 15.39 3.96 12.44
CA SER B 124 16.43 4.15 13.44
C SER B 124 16.38 3.10 14.54
N ALA B 125 15.17 2.69 14.92
CA ALA B 125 14.96 1.64 15.92
C ALA B 125 15.41 0.26 15.47
N SER B 126 16.01 0.08 14.29
CA SER B 126 16.43 -1.25 13.86
C SER B 126 17.55 -1.77 14.76
N ALA B 127 17.63 -3.10 14.84
CA ALA B 127 18.53 -3.85 15.72
C ALA B 127 18.09 -3.83 17.18
N SER B 128 16.93 -3.26 17.48
CA SER B 128 16.42 -3.25 18.84
C SER B 128 14.95 -3.64 18.82
N THR B 129 14.42 -3.98 19.99
CA THR B 129 13.00 -4.24 20.16
C THR B 129 12.46 -3.38 21.31
N LYS B 130 11.27 -2.84 21.11
CA LYS B 130 10.59 -2.01 22.09
C LYS B 130 9.17 -2.53 22.28
N GLY B 131 8.67 -2.47 23.50
CA GLY B 131 7.29 -2.83 23.72
C GLY B 131 6.38 -1.61 23.63
N PRO B 132 5.11 -1.84 23.32
CA PRO B 132 4.17 -0.72 23.23
C PRO B 132 3.73 -0.26 24.59
N SER B 133 3.34 1.02 24.66
CA SER B 133 2.47 1.48 25.72
C SER B 133 1.05 1.20 25.28
N VAL B 134 0.18 0.97 26.24
CA VAL B 134 -1.21 0.68 25.96
C VAL B 134 -2.06 1.70 26.70
N PHE B 135 -2.57 2.64 25.99
CA PHE B 135 -3.50 3.62 26.50
C PHE B 135 -4.93 3.25 26.10
N PRO B 136 -5.93 3.67 26.87
CA PRO B 136 -7.31 3.29 26.56
C PRO B 136 -8.00 4.35 25.73
N LEU B 137 -8.86 3.88 24.84
CA LEU B 137 -9.79 4.72 24.11
C LEU B 137 -11.14 4.49 24.80
N ALA B 138 -11.49 5.40 25.71
CA ALA B 138 -12.63 5.19 26.61
C ALA B 138 -13.93 5.66 25.96
N PRO B 139 -15.01 4.92 26.24
CA PRO B 139 -16.31 5.22 25.64
C PRO B 139 -16.79 6.63 25.98
N SER B 140 -17.21 7.38 24.96
CA SER B 140 -17.84 8.67 25.14
C SER B 140 -18.91 8.60 26.23
N SER B 141 -18.80 9.51 27.20
CA SER B 141 -19.80 9.59 28.30
C SER B 141 -21.19 9.76 27.70
N LYS B 142 -21.25 10.24 26.46
CA LYS B 142 -22.54 10.42 25.75
C LYS B 142 -22.78 9.20 24.87
N SER B 143 -22.95 8.03 25.49
CA SER B 143 -23.25 6.80 24.72
C SER B 143 -24.72 6.42 24.91
N GLY B 147 -27.22 3.96 22.87
CA GLY B 147 -27.45 3.00 21.80
C GLY B 147 -26.29 2.04 21.63
N THR B 148 -25.44 2.33 20.67
CA THR B 148 -24.17 1.62 20.52
C THR B 148 -23.01 2.53 20.93
N ALA B 149 -21.99 1.94 21.55
CA ALA B 149 -20.84 2.68 22.04
C ALA B 149 -19.56 2.05 21.53
N ALA B 150 -18.52 2.86 21.44
CA ALA B 150 -17.22 2.41 20.94
C ALA B 150 -16.12 2.67 21.98
N LEU B 151 -15.23 1.70 22.14
CA LEU B 151 -14.09 1.80 23.04
C LEU B 151 -12.93 1.00 22.45
N GLY B 152 -11.73 1.23 22.95
CA GLY B 152 -10.60 0.51 22.37
C GLY B 152 -9.30 0.70 23.12
N CYS B 153 -8.22 0.24 22.48
CA CYS B 153 -6.87 0.36 23.00
C CYS B 153 -5.95 0.95 21.95
N LEU B 154 -5.17 1.95 22.34
CA LEU B 154 -4.13 2.53 21.49
C LEU B 154 -2.82 1.85 21.83
N VAL B 155 -2.26 1.12 20.86
CA VAL B 155 -1.05 0.33 21.10
C VAL B 155 0.14 1.03 20.47
N LYS B 156 0.72 1.99 21.19
CA LYS B 156 1.63 2.96 20.60
C LYS B 156 3.09 2.64 20.86
N ASP B 157 3.95 3.00 19.91
CA ASP B 157 5.40 3.06 20.10
C ASP B 157 6.05 1.72 20.39
N TYR B 158 5.88 0.75 19.50
CA TYR B 158 6.57 -0.52 19.61
C TYR B 158 7.39 -0.72 18.33
N PHE B 159 8.36 -1.62 18.40
CA PHE B 159 9.16 -2.03 17.24
C PHE B 159 9.79 -3.40 17.51
N PRO B 160 9.77 -4.34 16.55
CA PRO B 160 9.18 -4.30 15.21
C PRO B 160 7.73 -4.81 15.18
N GLU B 161 7.09 -4.93 14.02
CA GLU B 161 5.89 -5.74 13.94
C GLU B 161 6.24 -7.15 14.41
N PRO B 162 5.28 -7.94 14.85
CA PRO B 162 3.85 -7.69 14.96
C PRO B 162 3.39 -7.57 16.41
N VAL B 163 2.16 -7.09 16.60
CA VAL B 163 1.46 -7.20 17.87
C VAL B 163 0.18 -7.96 17.61
N THR B 164 -0.25 -8.76 18.58
CA THR B 164 -1.60 -9.29 18.55
C THR B 164 -2.42 -8.52 19.58
N VAL B 165 -3.70 -8.34 19.27
CA VAL B 165 -4.65 -7.76 20.19
C VAL B 165 -5.90 -8.61 20.14
N SER B 166 -6.36 -9.07 21.29
CA SER B 166 -7.66 -9.70 21.47
C SER B 166 -8.44 -8.90 22.50
N TRP B 167 -9.68 -9.30 22.72
CA TRP B 167 -10.54 -8.63 23.69
C TRP B 167 -11.20 -9.67 24.57
N ASN B 168 -11.12 -9.43 25.89
CA ASN B 168 -11.58 -10.37 26.89
C ASN B 168 -11.00 -11.76 26.62
N SER B 169 -9.68 -11.80 26.40
CA SER B 169 -8.94 -13.04 26.18
C SER B 169 -9.57 -13.86 25.06
N GLY B 170 -10.14 -13.20 24.06
CA GLY B 170 -10.72 -13.86 22.91
C GLY B 170 -12.21 -14.12 22.96
N ALA B 171 -12.87 -13.81 24.08
CA ALA B 171 -14.31 -14.07 24.23
C ALA B 171 -15.13 -13.05 23.43
N LEU B 172 -14.71 -11.79 23.47
CA LEU B 172 -15.32 -10.73 22.69
C LEU B 172 -14.65 -10.69 21.32
N THR B 173 -15.44 -10.94 20.26
CA THR B 173 -14.93 -10.82 18.90
C THR B 173 -15.92 -10.04 18.05
N SER B 174 -17.21 -10.16 18.34
CA SER B 174 -18.17 -9.46 17.52
C SER B 174 -17.91 -7.96 17.55
N GLY B 175 -17.50 -7.43 16.41
CA GLY B 175 -17.41 -5.99 16.21
C GLY B 175 -16.06 -5.38 16.46
N VAL B 176 -14.99 -6.17 16.38
CA VAL B 176 -13.65 -5.74 16.77
C VAL B 176 -12.91 -5.36 15.50
N HIS B 177 -12.35 -4.17 15.49
CA HIS B 177 -11.48 -3.75 14.39
C HIS B 177 -10.13 -3.46 15.01
N THR B 178 -9.18 -4.31 14.70
CA THR B 178 -7.79 -4.07 15.01
C THR B 178 -7.16 -3.49 13.75
N PHE B 179 -6.86 -2.20 13.78
CA PHE B 179 -6.42 -1.52 12.58
C PHE B 179 -5.01 -1.93 12.19
N PRO B 180 -4.62 -1.70 10.93
CA PRO B 180 -3.22 -1.91 10.56
C PRO B 180 -2.32 -0.91 11.27
N ALA B 181 -1.11 -1.35 11.56
CA ALA B 181 -0.16 -0.50 12.27
C ALA B 181 0.40 0.53 11.31
N VAL B 182 0.63 1.74 11.82
CA VAL B 182 1.23 2.82 11.04
C VAL B 182 2.65 3.05 11.56
N LEU B 183 3.59 3.29 10.66
CA LEU B 183 4.99 3.50 11.04
C LEU B 183 5.23 4.99 11.23
N GLN B 184 5.34 5.42 12.47
CA GLN B 184 5.40 6.85 12.75
C GLN B 184 6.76 7.46 12.34
N SER B 185 6.81 8.79 12.41
CA SER B 185 8.06 9.48 12.09
C SER B 185 9.13 9.13 13.11
N SER B 186 8.74 8.68 14.30
CA SER B 186 9.69 8.28 15.33
C SER B 186 10.45 7.01 14.97
N GLY B 187 10.03 6.28 13.92
CA GLY B 187 10.56 4.96 13.66
C GLY B 187 9.80 3.85 14.36
N LEU B 188 8.80 4.20 15.18
CA LEU B 188 8.03 3.21 15.93
C LEU B 188 6.63 3.05 15.34
N TYR B 189 6.15 1.81 15.42
CA TYR B 189 4.80 1.48 14.98
C TYR B 189 3.78 1.92 16.02
N SER B 190 2.54 2.03 15.55
CA SER B 190 1.41 2.41 16.39
C SER B 190 0.14 1.90 15.70
N LEU B 191 -0.82 1.39 16.49
CA LEU B 191 -2.10 0.98 15.93
C LEU B 191 -3.17 1.11 16.99
N SER B 192 -4.40 0.91 16.55
CA SER B 192 -5.58 0.94 17.41
C SER B 192 -6.36 -0.34 17.25
N SER B 193 -6.97 -0.77 18.34
CA SER B 193 -7.94 -1.84 18.27
C SER B 193 -9.18 -1.35 18.97
N VAL B 194 -10.31 -1.41 18.29
CA VAL B 194 -11.55 -0.88 18.81
C VAL B 194 -12.62 -1.95 18.72
N VAL B 195 -13.67 -1.76 19.49
CA VAL B 195 -14.78 -2.68 19.50
C VAL B 195 -16.03 -1.86 19.73
N THR B 196 -17.07 -2.19 18.98
CA THR B 196 -18.37 -1.59 19.17
C THR B 196 -19.21 -2.51 20.08
N VAL B 197 -19.86 -1.93 21.10
CA VAL B 197 -20.69 -2.68 22.03
C VAL B 197 -21.98 -1.90 22.27
N PRO B 198 -23.02 -2.50 22.88
CA PRO B 198 -24.19 -1.69 23.24
C PRO B 198 -23.93 -0.90 24.51
N SER B 199 -24.36 0.37 24.50
CA SER B 199 -24.20 1.23 25.66
C SER B 199 -24.76 0.60 26.93
N SER B 200 -25.85 -0.17 26.79
CA SER B 200 -26.51 -0.79 27.94
C SER B 200 -25.54 -1.63 28.77
N SER B 201 -24.51 -2.17 28.15
CA SER B 201 -23.57 -3.05 28.83
C SER B 201 -22.35 -2.31 29.37
N LEU B 202 -22.34 -0.98 29.36
CA LEU B 202 -21.09 -0.30 29.67
C LEU B 202 -20.73 -0.39 31.14
N GLY B 203 -21.72 -0.51 32.02
CA GLY B 203 -21.45 -0.61 33.45
C GLY B 203 -21.56 -2.04 33.97
N THR B 204 -22.28 -2.88 33.22
CA THR B 204 -22.37 -4.29 33.56
C THR B 204 -21.10 -5.03 33.13
N GLN B 205 -20.85 -5.11 31.82
CA GLN B 205 -19.73 -5.84 31.27
C GLN B 205 -18.44 -5.04 31.37
N THR B 206 -17.34 -5.73 31.66
CA THR B 206 -16.04 -5.09 31.67
C THR B 206 -15.25 -5.55 30.46
N TYR B 207 -14.28 -4.74 30.06
CA TYR B 207 -13.59 -4.95 28.80
C TYR B 207 -12.10 -4.83 29.01
N ILE B 208 -11.37 -5.84 28.53
CA ILE B 208 -9.92 -5.86 28.56
C ILE B 208 -9.43 -6.17 27.16
N CYS B 209 -8.54 -5.34 26.64
CA CYS B 209 -7.82 -5.68 25.43
C CYS B 209 -6.56 -6.40 25.87
N ASN B 210 -6.17 -7.44 25.14
CA ASN B 210 -5.01 -8.23 25.51
C ASN B 210 -3.96 -8.02 24.44
N VAL B 211 -2.90 -7.31 24.79
CA VAL B 211 -1.86 -6.98 23.84
C VAL B 211 -0.68 -7.90 24.08
N ASN B 212 -0.02 -8.31 23.00
CA ASN B 212 1.10 -9.23 23.09
C ASN B 212 2.08 -8.84 21.99
N HIS B 213 3.24 -8.34 22.39
CA HIS B 213 4.28 -7.98 21.44
C HIS B 213 5.43 -8.98 21.64
N LYS B 214 5.24 -10.18 21.07
CA LYS B 214 6.16 -11.29 21.33
C LYS B 214 7.63 -10.92 21.12
N PRO B 215 7.98 -10.06 20.15
CA PRO B 215 9.40 -9.68 20.00
C PRO B 215 10.03 -8.99 21.20
N SER B 216 9.27 -8.70 22.25
CA SER B 216 9.89 -8.14 23.45
C SER B 216 9.33 -8.77 24.72
N ASN B 217 8.77 -9.97 24.64
CA ASN B 217 8.04 -10.62 25.75
C ASN B 217 7.22 -9.61 26.55
N THR B 218 6.53 -8.73 25.82
CA THR B 218 5.64 -7.74 26.42
C THR B 218 4.21 -8.23 26.29
N LYS B 219 3.54 -8.41 27.44
CA LYS B 219 2.12 -8.75 27.49
C LYS B 219 1.46 -7.73 28.39
N VAL B 220 0.40 -7.11 27.90
CA VAL B 220 -0.38 -6.18 28.70
C VAL B 220 -1.84 -6.57 28.62
N ASP B 221 -2.56 -6.31 29.71
CA ASP B 221 -4.02 -6.41 29.78
C ASP B 221 -4.51 -5.07 30.30
N LYS B 222 -5.17 -4.29 29.47
CA LYS B 222 -5.64 -2.97 29.90
C LYS B 222 -7.16 -2.98 29.99
N LYS B 223 -7.68 -2.63 31.17
CA LYS B 223 -9.11 -2.53 31.36
C LYS B 223 -9.55 -1.16 30.88
N VAL B 224 -10.38 -1.14 29.84
CA VAL B 224 -10.92 0.08 29.26
C VAL B 224 -12.29 0.28 29.89
N GLU B 225 -12.48 1.42 30.56
CA GLU B 225 -13.76 1.65 31.28
C GLU B 225 -14.25 3.08 31.02
N PRO B 226 -15.58 3.34 31.09
CA PRO B 226 -16.11 4.69 30.93
C PRO B 226 -15.46 5.68 31.89
N LYS B 227 -15.29 6.93 31.46
CA LYS B 227 -14.61 7.96 32.31
C LYS B 227 -15.42 8.19 33.59
N SER B 228 -16.76 8.21 33.49
CA SER B 228 -17.64 8.43 34.68
C SER B 228 -17.39 9.82 35.27
N ASP C 8 9.80 7.47 -32.17
CA ASP C 8 10.59 8.12 -31.13
C ASP C 8 11.05 7.12 -30.08
N PHE C 9 12.34 6.78 -30.09
CA PHE C 9 12.91 5.83 -29.13
C PHE C 9 14.10 6.47 -28.43
N HIS C 10 14.39 6.00 -27.22
CA HIS C 10 15.34 6.66 -26.33
C HIS C 10 16.47 5.70 -25.98
N PHE C 11 17.38 5.50 -26.93
CA PHE C 11 18.56 4.68 -26.68
C PHE C 11 19.56 5.36 -25.78
N GLU C 12 19.47 6.70 -25.66
CA GLU C 12 20.35 7.46 -24.76
C GLU C 12 20.26 6.97 -23.32
N VAL C 13 19.08 6.49 -22.88
CA VAL C 13 18.86 6.13 -21.48
C VAL C 13 19.73 4.97 -21.02
N PHE C 14 20.21 4.13 -21.93
CA PHE C 14 21.07 3.03 -21.54
C PHE C 14 22.50 3.52 -21.30
N ASN C 15 23.26 2.74 -20.53
CA ASN C 15 24.70 2.94 -20.54
C ASN C 15 25.27 2.54 -21.88
N PHE C 16 24.74 1.45 -22.44
CA PHE C 16 24.98 1.06 -23.82
C PHE C 16 23.88 0.09 -24.22
N VAL C 17 23.73 -0.12 -25.51
CA VAL C 17 22.67 -0.96 -26.07
C VAL C 17 23.32 -2.24 -26.63
N PRO C 18 22.95 -3.46 -26.15
CA PRO C 18 23.50 -4.67 -26.74
C PRO C 18 22.92 -4.90 -28.13
N CYS C 19 23.78 -5.27 -29.11
CA CYS C 19 23.34 -5.51 -30.50
C CYS C 19 22.36 -6.67 -30.50
N SER C 20 22.45 -7.51 -29.48
CA SER C 20 21.71 -8.74 -29.36
C SER C 20 20.21 -8.44 -29.21
N ILE C 21 19.83 -7.17 -29.09
CA ILE C 21 18.39 -6.79 -28.90
C ILE C 21 17.96 -5.82 -30.00
N CYS C 22 18.88 -5.43 -30.89
CA CYS C 22 18.57 -4.41 -31.92
C CYS C 22 17.52 -4.93 -32.91
N SER C 23 17.27 -6.24 -32.93
CA SER C 23 16.33 -6.81 -33.93
C SER C 23 16.66 -6.22 -35.30
N ASN C 24 15.72 -5.48 -35.90
CA ASN C 24 15.94 -4.93 -37.25
C ASN C 24 15.91 -3.40 -37.22
N ASN C 25 15.93 -2.80 -36.03
CA ASN C 25 15.91 -1.32 -35.90
C ASN C 25 17.22 -0.76 -36.47
N PRO C 26 17.20 0.00 -37.59
CA PRO C 26 18.43 0.46 -38.22
C PRO C 26 19.21 1.42 -37.30
N THR C 27 18.49 2.32 -36.64
CA THR C 27 19.13 3.30 -35.72
C THR C 27 19.82 2.54 -34.58
N CYS C 28 19.16 1.51 -34.07
CA CYS C 28 19.75 0.69 -32.98
C CYS C 28 21.13 0.19 -33.43
N TRP C 29 21.25 -0.25 -34.67
CA TRP C 29 22.53 -0.85 -35.17
C TRP C 29 23.62 0.22 -35.29
N ALA C 30 23.23 1.49 -35.48
CA ALA C 30 24.21 2.57 -35.59
C ALA C 30 24.99 2.75 -34.28
N ILE C 31 24.29 2.78 -33.15
CA ILE C 31 24.95 3.05 -31.83
C ILE C 31 25.20 1.73 -31.11
N CYS C 32 24.72 0.63 -31.67
CA CYS C 32 24.78 -0.69 -31.01
C CYS C 32 26.19 -1.07 -30.56
N LYS C 33 26.29 -1.91 -29.53
CA LYS C 33 27.61 -2.42 -29.06
C LYS C 33 27.59 -3.95 -29.10
N ARG C 34 28.54 -4.55 -29.82
CA ARG C 34 28.56 -6.03 -29.97
C ARG C 34 29.11 -6.67 -28.69
N ILE C 35 28.59 -7.83 -28.32
CA ILE C 35 29.03 -8.53 -27.08
C ILE C 35 29.25 -10.01 -27.42
N PRO C 36 30.03 -10.79 -26.61
CA PRO C 36 30.23 -12.21 -26.87
C PRO C 36 28.89 -12.98 -26.86
#